data_7RNF
#
_entry.id   7RNF
#
_cell.length_a   50.340
_cell.length_b   67.081
_cell.length_c   82.183
_cell.angle_alpha   90.000
_cell.angle_beta   91.137
_cell.angle_gamma   90.000
#
_symmetry.space_group_name_H-M   'P 1 21 1'
#
loop_
_entity.id
_entity.type
_entity.pdbx_description
1 polymer 'Caspase-3 subunit p17'
2 polymer 'Caspase-3 subunit p12'
3 polymer Ac-VDKVD-CHO
4 water water
#
loop_
_entity_poly.entity_id
_entity_poly.type
_entity_poly.pdbx_seq_one_letter_code
_entity_poly.pdbx_strand_id
1 'polypeptide(L)'
;DNSYKMDYPEMGLCIIINNKNFHKSTGMTSRSGTDVDAANLRETFRNLKYEVRNKNDLTREEIVELMRDVSKEDHSKRSS
FVCVLLSHGEEGIIFGTNGPVDLKKITNFFRGDRCRSLTGKPKLFIIQACRGTELDCGIET
;
A,C
2 'polypeptide(L)'
;CHKIPVEADFLYAYSTAPGYYSWRNSKDGSWFIQSLCAMLKQYADKLEFMHILTRVNRKVATEFESFSFDATFHAKKQIP
CIVSMLTKELYFYHH
;
B,D
3 'polypeptide(L)' (ACE)VDKV(ASA) F,G
#
# COMPACT_ATOMS: atom_id res chain seq x y z
N ASP A 1 -9.13 -8.67 19.02
CA ASP A 1 -7.74 -8.22 19.15
C ASP A 1 -6.91 -8.52 17.89
N ASN A 2 -7.14 -9.67 17.25
CA ASN A 2 -6.63 -9.91 15.91
C ASN A 2 -7.59 -9.44 14.83
N SER A 3 -8.87 -9.24 15.17
CA SER A 3 -9.89 -8.78 14.23
C SER A 3 -10.57 -7.53 14.76
N TYR A 4 -10.85 -6.59 13.85
CA TYR A 4 -11.60 -5.41 14.24
C TYR A 4 -12.97 -5.82 14.77
N LYS A 5 -13.39 -5.16 15.86
CA LYS A 5 -14.76 -5.28 16.35
C LYS A 5 -15.73 -4.71 15.33
N MET A 6 -16.56 -5.56 14.74
CA MET A 6 -17.52 -5.16 13.71
C MET A 6 -18.96 -5.39 14.15
N ASP A 7 -19.20 -5.54 15.46
CA ASP A 7 -20.54 -5.73 16.00
C ASP A 7 -20.99 -4.54 16.85
N TYR A 8 -20.55 -3.33 16.48
CA TYR A 8 -21.21 -2.13 16.96
C TYR A 8 -22.65 -2.10 16.43
N PRO A 9 -23.51 -1.26 17.01
CA PRO A 9 -24.87 -1.14 16.47
C PRO A 9 -24.94 -0.85 14.97
N GLU A 10 -24.00 -0.07 14.43
CA GLU A 10 -23.99 0.25 13.01
C GLU A 10 -22.64 -0.09 12.39
N MET A 11 -22.66 -0.58 11.15
CA MET A 11 -21.42 -0.81 10.43
C MET A 11 -20.67 0.49 10.18
N GLY A 12 -21.38 1.57 9.87
CA GLY A 12 -20.78 2.88 9.66
C GLY A 12 -21.33 3.57 8.43
N LEU A 13 -20.82 4.77 8.20
CA LEU A 13 -21.13 5.53 6.99
C LEU A 13 -20.31 5.03 5.81
N CYS A 14 -20.86 5.21 4.62
CA CYS A 14 -20.13 4.98 3.38
C CYS A 14 -20.42 6.19 2.50
N ILE A 15 -19.47 7.12 2.46
CA ILE A 15 -19.58 8.35 1.66
C ILE A 15 -19.11 8.05 0.25
N ILE A 16 -19.95 8.32 -0.74
CA ILE A 16 -19.59 8.12 -2.14
C ILE A 16 -19.61 9.47 -2.82
N ILE A 17 -18.43 9.95 -3.22
N ILE A 17 -18.44 9.96 -3.22
CA ILE A 17 -18.28 11.17 -4.00
CA ILE A 17 -18.34 11.21 -3.97
C ILE A 17 -18.16 10.77 -5.45
C ILE A 17 -18.14 10.87 -5.44
N ASN A 18 -19.15 11.13 -6.26
CA ASN A 18 -19.19 10.76 -7.66
C ASN A 18 -19.06 12.04 -8.50
N ASN A 19 -17.87 12.30 -9.03
CA ASN A 19 -17.65 13.48 -9.87
C ASN A 19 -17.63 13.02 -11.32
N LYS A 20 -18.63 13.46 -12.07
CA LYS A 20 -18.77 13.09 -13.47
C LYS A 20 -18.56 14.26 -14.41
N ASN A 21 -19.05 15.44 -14.04
CA ASN A 21 -19.06 16.61 -14.91
C ASN A 21 -18.19 17.70 -14.30
N PHE A 22 -17.15 18.10 -15.03
CA PHE A 22 -16.17 19.05 -14.55
C PHE A 22 -16.31 20.39 -15.28
N HIS A 23 -16.02 21.47 -14.57
CA HIS A 23 -16.07 22.79 -15.19
C HIS A 23 -15.15 22.82 -16.41
N LYS A 24 -15.69 23.27 -17.55
CA LYS A 24 -14.89 23.28 -18.78
C LYS A 24 -13.59 24.04 -18.59
N SER A 25 -13.55 25.01 -17.67
CA SER A 25 -12.32 25.78 -17.47
C SER A 25 -11.19 24.94 -16.89
N THR A 26 -11.48 23.76 -16.33
CA THR A 26 -10.42 22.83 -15.91
C THR A 26 -9.86 22.01 -17.06
N GLY A 27 -10.60 21.90 -18.17
CA GLY A 27 -10.13 21.11 -19.29
C GLY A 27 -10.31 19.61 -19.15
N MET A 28 -11.02 19.14 -18.14
CA MET A 28 -11.10 17.71 -17.85
C MET A 28 -12.36 17.09 -18.45
N THR A 29 -12.23 15.87 -18.96
CA THR A 29 -13.30 15.18 -19.68
C THR A 29 -14.42 14.74 -18.74
N SER A 30 -15.62 14.64 -19.27
CA SER A 30 -16.74 14.05 -18.54
C SER A 30 -16.48 12.54 -18.34
N ARG A 31 -16.79 12.01 -17.15
CA ARG A 31 -16.40 10.64 -16.83
C ARG A 31 -17.56 9.66 -17.04
N SER A 32 -17.92 9.48 -18.32
CA SER A 32 -18.90 8.47 -18.72
C SER A 32 -18.63 7.12 -18.07
N GLY A 33 -19.69 6.52 -17.53
CA GLY A 33 -19.60 5.25 -16.83
C GLY A 33 -19.63 5.37 -15.32
N THR A 34 -19.36 6.55 -14.77
CA THR A 34 -19.17 6.66 -13.33
C THR A 34 -20.47 6.58 -12.55
N ASP A 35 -21.62 6.87 -13.19
CA ASP A 35 -22.90 6.66 -12.52
C ASP A 35 -23.18 5.18 -12.33
N VAL A 36 -22.76 4.36 -13.29
CA VAL A 36 -22.83 2.91 -13.11
C VAL A 36 -22.02 2.48 -11.90
N ASP A 37 -20.83 3.06 -11.72
CA ASP A 37 -20.03 2.78 -10.53
C ASP A 37 -20.76 3.21 -9.27
N ALA A 38 -21.17 4.48 -9.22
CA ALA A 38 -21.75 5.02 -8.00
C ALA A 38 -22.93 4.18 -7.54
N ALA A 39 -23.76 3.70 -8.49
CA ALA A 39 -24.91 2.87 -8.16
C ALA A 39 -24.50 1.45 -7.74
N ASN A 40 -23.54 0.86 -8.44
CA ASN A 40 -23.02 -0.43 -8.04
C ASN A 40 -22.50 -0.39 -6.60
N LEU A 41 -21.77 0.67 -6.25
CA LEU A 41 -21.25 0.83 -4.90
C LEU A 41 -22.34 0.99 -3.85
N ARG A 42 -23.37 1.78 -4.16
CA ARG A 42 -24.48 1.99 -3.23
C ARG A 42 -25.17 0.66 -2.91
N GLU A 43 -25.49 -0.12 -3.93
CA GLU A 43 -26.13 -1.41 -3.69
C GLU A 43 -25.19 -2.34 -2.90
N THR A 44 -23.92 -2.40 -3.27
CA THR A 44 -22.97 -3.28 -2.60
C THR A 44 -22.87 -2.96 -1.11
N PHE A 45 -22.67 -1.68 -0.78
CA PHE A 45 -22.47 -1.35 0.62
C PHE A 45 -23.78 -1.28 1.40
N ARG A 46 -24.92 -1.09 0.71
CA ARG A 46 -26.23 -1.33 1.32
C ARG A 46 -26.37 -2.77 1.82
N ASN A 47 -25.95 -3.74 1.02
CA ASN A 47 -26.04 -5.14 1.44
C ASN A 47 -25.06 -5.47 2.53
N LEU A 48 -24.04 -4.63 2.75
CA LEU A 48 -23.11 -4.80 3.86
C LEU A 48 -23.56 -4.07 5.10
N LYS A 49 -24.72 -3.39 5.04
CA LYS A 49 -25.36 -2.70 6.16
C LYS A 49 -24.67 -1.36 6.47
N TYR A 50 -24.08 -0.72 5.45
CA TYR A 50 -23.55 0.62 5.61
C TYR A 50 -24.66 1.64 5.32
N GLU A 51 -24.63 2.74 6.07
CA GLU A 51 -25.46 3.90 5.76
C GLU A 51 -24.76 4.68 4.64
N VAL A 52 -25.22 4.47 3.41
CA VAL A 52 -24.59 5.02 2.22
C VAL A 52 -25.08 6.43 1.97
N ARG A 53 -24.16 7.35 1.69
CA ARG A 53 -24.53 8.70 1.26
C ARG A 53 -23.83 9.00 -0.07
N ASN A 54 -24.62 9.20 -1.13
CA ASN A 54 -24.12 9.57 -2.45
C ASN A 54 -24.20 11.09 -2.63
N LYS A 55 -23.06 11.68 -3.01
CA LYS A 55 -22.92 13.10 -3.30
C LYS A 55 -22.42 13.15 -4.74
N ASN A 56 -22.93 14.09 -5.55
CA ASN A 56 -22.57 14.17 -6.97
C ASN A 56 -21.96 15.54 -7.29
N ASP A 57 -20.98 15.53 -8.19
CA ASP A 57 -20.39 16.73 -8.79
C ASP A 57 -20.09 17.82 -7.75
N LEU A 58 -19.14 17.49 -6.89
CA LEU A 58 -18.71 18.36 -5.81
C LEU A 58 -17.47 19.14 -6.23
N THR A 59 -17.44 20.43 -5.89
CA THR A 59 -16.24 21.22 -6.02
C THR A 59 -15.22 20.80 -4.96
N ARG A 60 -13.96 21.24 -5.16
CA ARG A 60 -12.94 20.99 -4.15
C ARG A 60 -13.37 21.53 -2.80
N GLU A 61 -14.08 22.67 -2.79
CA GLU A 61 -14.55 23.24 -1.53
C GLU A 61 -15.64 22.37 -0.90
N GLU A 62 -16.57 21.87 -1.70
CA GLU A 62 -17.63 21.04 -1.12
C GLU A 62 -17.07 19.71 -0.62
N ILE A 63 -16.06 19.18 -1.29
CA ILE A 63 -15.44 17.94 -0.83
C ILE A 63 -14.79 18.14 0.54
N VAL A 64 -13.98 19.20 0.67
CA VAL A 64 -13.34 19.48 1.94
C VAL A 64 -14.38 19.74 3.02
N GLU A 65 -15.43 20.50 2.69
CA GLU A 65 -16.45 20.84 3.67
C GLU A 65 -17.24 19.62 4.10
N LEU A 66 -17.57 18.72 3.16
CA LEU A 66 -18.26 17.49 3.51
C LEU A 66 -17.40 16.62 4.41
N MET A 67 -16.12 16.48 4.06
CA MET A 67 -15.23 15.61 4.81
C MET A 67 -15.04 16.10 6.23
N ARG A 68 -14.89 17.41 6.42
CA ARG A 68 -14.82 17.96 7.76
C ARG A 68 -16.10 17.68 8.53
N ASP A 69 -17.26 17.91 7.90
CA ASP A 69 -18.54 17.66 8.57
C ASP A 69 -18.68 16.20 8.99
N VAL A 70 -18.44 15.27 8.06
CA VAL A 70 -18.57 13.84 8.41
C VAL A 70 -17.63 13.48 9.55
N SER A 71 -16.38 13.93 9.48
CA SER A 71 -15.40 13.61 10.53
C SER A 71 -15.78 14.20 11.88
N LYS A 72 -16.69 15.18 11.92
CA LYS A 72 -17.15 15.76 13.17
C LYS A 72 -18.45 15.15 13.66
N GLU A 73 -19.03 14.22 12.92
CA GLU A 73 -20.13 13.47 13.47
C GLU A 73 -19.67 12.60 14.64
N ASP A 74 -20.63 12.07 15.38
CA ASP A 74 -20.37 11.13 16.45
C ASP A 74 -20.44 9.72 15.88
N HIS A 75 -19.29 9.07 15.70
CA HIS A 75 -19.25 7.69 15.21
C HIS A 75 -19.11 6.67 16.34
N SER A 76 -19.46 7.03 17.58
CA SER A 76 -19.25 6.13 18.70
C SER A 76 -19.90 4.77 18.51
N LYS A 77 -21.04 4.71 17.81
CA LYS A 77 -21.80 3.48 17.64
C LYS A 77 -21.61 2.87 16.26
N ARG A 78 -20.59 3.29 15.54
CA ARG A 78 -20.28 2.80 14.20
C ARG A 78 -19.03 1.95 14.25
N SER A 79 -19.02 0.84 13.50
CA SER A 79 -17.86 -0.05 13.52
C SER A 79 -16.69 0.48 12.70
N SER A 80 -16.95 1.20 11.62
CA SER A 80 -15.92 1.53 10.65
C SER A 80 -16.36 2.78 9.90
N PHE A 81 -15.54 3.18 8.93
CA PHE A 81 -15.86 4.29 8.04
C PHE A 81 -15.36 3.99 6.64
N VAL A 82 -16.20 4.23 5.65
CA VAL A 82 -15.84 3.99 4.26
C VAL A 82 -16.06 5.28 3.48
N CYS A 83 -15.05 5.70 2.72
CA CYS A 83 -15.20 6.79 1.77
C CYS A 83 -14.74 6.33 0.39
N VAL A 84 -15.56 6.60 -0.61
CA VAL A 84 -15.26 6.24 -1.98
C VAL A 84 -15.17 7.51 -2.81
N LEU A 85 -14.05 7.69 -3.49
CA LEU A 85 -13.83 8.84 -4.35
C LEU A 85 -13.74 8.41 -5.80
N LEU A 86 -14.64 8.92 -6.63
CA LEU A 86 -14.65 8.63 -8.07
C LEU A 86 -14.42 9.94 -8.83
N SER A 87 -13.25 10.09 -9.45
CA SER A 87 -12.95 11.35 -10.10
C SER A 87 -11.70 11.21 -10.95
N HIS A 88 -11.32 12.30 -11.60
CA HIS A 88 -9.99 12.43 -12.13
C HIS A 88 -9.02 12.61 -10.97
N GLY A 89 -7.75 12.37 -11.25
CA GLY A 89 -6.76 12.63 -10.23
C GLY A 89 -5.38 12.61 -10.84
N GLU A 90 -4.40 12.95 -9.99
CA GLU A 90 -2.98 12.80 -10.20
C GLU A 90 -2.44 12.21 -8.91
N GLU A 91 -1.15 11.89 -8.90
CA GLU A 91 -0.54 11.33 -7.71
C GLU A 91 -0.79 12.23 -6.51
N GLY A 92 -1.37 11.65 -5.45
CA GLY A 92 -1.71 12.39 -4.24
C GLY A 92 -2.89 13.34 -4.35
N ILE A 93 -3.60 13.33 -5.47
CA ILE A 93 -4.55 14.40 -5.79
C ILE A 93 -5.83 13.77 -6.34
N ILE A 94 -6.97 14.27 -5.86
CA ILE A 94 -8.30 13.98 -6.38
C ILE A 94 -8.89 15.31 -6.85
N PHE A 95 -9.63 15.30 -7.94
CA PHE A 95 -10.19 16.53 -8.49
C PHE A 95 -11.64 16.71 -8.06
N GLY A 96 -11.94 17.87 -7.51
CA GLY A 96 -13.30 18.34 -7.51
C GLY A 96 -13.65 18.87 -8.89
N THR A 97 -14.94 19.22 -9.07
CA THR A 97 -15.38 19.72 -10.37
C THR A 97 -14.62 20.97 -10.82
N ASN A 98 -13.90 21.65 -9.93
CA ASN A 98 -13.25 22.91 -10.30
C ASN A 98 -11.77 22.94 -10.02
N GLY A 99 -11.14 21.83 -9.63
CA GLY A 99 -9.72 21.83 -9.38
C GLY A 99 -9.27 20.81 -8.34
N PRO A 100 -7.97 20.78 -8.07
CA PRO A 100 -7.41 19.68 -7.27
C PRO A 100 -7.59 19.84 -5.76
N VAL A 101 -7.64 18.68 -5.07
CA VAL A 101 -7.57 18.56 -3.62
C VAL A 101 -6.51 17.50 -3.30
N ASP A 102 -5.60 17.79 -2.36
CA ASP A 102 -4.73 16.73 -1.87
C ASP A 102 -5.55 15.68 -1.14
N LEU A 103 -5.31 14.40 -1.46
CA LEU A 103 -6.00 13.34 -0.72
C LEU A 103 -5.67 13.40 0.76
N LYS A 104 -4.47 13.86 1.08
CA LYS A 104 -4.01 13.90 2.46
C LYS A 104 -4.80 14.93 3.25
N LYS A 105 -5.27 16.00 2.59
CA LYS A 105 -6.11 16.97 3.29
C LYS A 105 -7.42 16.33 3.69
N ILE A 106 -7.95 15.46 2.82
CA ILE A 106 -9.19 14.74 3.10
C ILE A 106 -8.97 13.71 4.21
N THR A 107 -7.96 12.85 4.05
CA THR A 107 -7.78 11.78 5.01
C THR A 107 -7.43 12.29 6.40
N ASN A 108 -6.76 13.45 6.51
CA ASN A 108 -6.31 13.96 7.81
C ASN A 108 -7.46 14.24 8.77
N PHE A 109 -8.65 14.55 8.26
CA PHE A 109 -9.80 14.78 9.11
C PHE A 109 -10.12 13.56 9.98
N PHE A 110 -9.82 12.37 9.49
CA PHE A 110 -10.18 11.14 10.17
C PHE A 110 -9.02 10.56 10.92
N ARG A 111 -7.96 11.34 11.05
CA ARG A 111 -6.72 10.88 11.62
C ARG A 111 -6.95 10.61 13.11
N GLY A 112 -6.31 9.56 13.63
CA GLY A 112 -6.59 9.06 14.97
C GLY A 112 -6.81 10.10 16.07
N ASP A 113 -6.10 11.22 15.98
CA ASP A 113 -6.17 12.26 17.01
C ASP A 113 -7.20 13.35 16.69
N ARG A 114 -7.71 13.41 15.47
CA ARG A 114 -8.65 14.46 15.06
C ARG A 114 -10.08 13.97 14.88
N CYS A 115 -10.33 12.68 14.97
CA CYS A 115 -11.67 12.11 14.92
C CYS A 115 -11.67 10.97 15.95
N ARG A 116 -11.86 11.37 17.23
CA ARG A 116 -11.70 10.45 18.34
C ARG A 116 -12.72 9.32 18.30
N SER A 117 -13.92 9.58 17.76
CA SER A 117 -14.92 8.51 17.76
C SER A 117 -14.64 7.46 16.69
N LEU A 118 -13.59 7.64 15.88
CA LEU A 118 -13.13 6.60 14.96
C LEU A 118 -11.76 6.02 15.36
N THR A 119 -11.10 6.57 16.37
CA THR A 119 -9.84 6.00 16.85
C THR A 119 -10.01 4.51 17.08
N GLY A 120 -9.07 3.72 16.56
CA GLY A 120 -9.10 2.29 16.72
C GLY A 120 -9.99 1.55 15.75
N LYS A 121 -10.73 2.25 14.93
CA LYS A 121 -11.65 1.62 13.99
C LYS A 121 -11.14 1.77 12.56
N PRO A 122 -11.37 0.79 11.68
CA PRO A 122 -10.81 0.86 10.33
C PRO A 122 -11.45 1.97 9.53
N LYS A 123 -10.61 2.75 8.84
CA LYS A 123 -11.07 3.84 7.98
C LYS A 123 -10.62 3.52 6.57
N LEU A 124 -11.58 3.26 5.69
CA LEU A 124 -11.33 2.72 4.36
C LEU A 124 -11.57 3.82 3.33
N PHE A 125 -10.57 4.10 2.52
CA PHE A 125 -10.71 5.02 1.40
C PHE A 125 -10.49 4.28 0.09
N ILE A 126 -11.52 4.25 -0.75
N ILE A 126 -11.52 4.24 -0.73
CA ILE A 126 -11.48 3.59 -2.05
CA ILE A 126 -11.50 3.56 -2.03
C ILE A 126 -11.46 4.69 -3.11
C ILE A 126 -11.44 4.64 -3.11
N ILE A 127 -10.43 4.69 -3.94
N ILE A 127 -10.40 4.62 -3.92
CA ILE A 127 -10.09 5.87 -4.76
CA ILE A 127 -10.05 5.75 -4.78
C ILE A 127 -9.98 5.43 -6.22
C ILE A 127 -10.03 5.27 -6.22
N GLN A 128 -11.04 5.66 -6.99
CA GLN A 128 -11.03 5.45 -8.42
C GLN A 128 -10.65 6.79 -9.03
N ALA A 129 -9.39 6.89 -9.44
CA ALA A 129 -8.83 8.14 -9.97
C ALA A 129 -7.43 7.84 -10.48
N CYS A 130 -7.06 8.55 -11.54
CA CYS A 130 -5.70 8.45 -12.06
C CYS A 130 -4.70 8.91 -11.01
N ARG A 131 -3.47 8.42 -11.17
CA ARG A 131 -2.36 8.71 -10.26
C ARG A 131 -1.15 9.16 -11.05
N GLY A 132 -1.37 9.79 -12.21
CA GLY A 132 -0.34 10.20 -13.15
C GLY A 132 -0.73 9.80 -14.55
N THR A 133 0.25 9.72 -15.46
CA THR A 133 -0.03 9.51 -16.87
C THR A 133 0.74 8.34 -17.48
N GLU A 134 1.26 7.43 -16.67
CA GLU A 134 1.96 6.27 -17.23
C GLU A 134 0.95 5.21 -17.68
N LEU A 135 1.31 4.50 -18.74
CA LEU A 135 0.51 3.41 -19.26
C LEU A 135 1.26 2.10 -19.05
N ASP A 136 0.51 1.05 -18.75
CA ASP A 136 1.08 -0.27 -18.49
C ASP A 136 0.83 -1.10 -19.75
N CYS A 137 1.90 -1.40 -20.48
CA CYS A 137 1.73 -2.13 -21.73
C CYS A 137 1.56 -3.63 -21.52
N GLY A 138 1.69 -4.13 -20.29
CA GLY A 138 1.52 -5.54 -20.06
C GLY A 138 2.67 -6.40 -20.56
N ILE A 139 2.62 -7.68 -20.18
CA ILE A 139 3.51 -8.74 -20.65
C ILE A 139 2.69 -10.01 -20.83
N GLU A 140 3.00 -10.77 -21.89
CA GLU A 140 2.22 -11.96 -22.27
C GLU A 140 2.74 -13.26 -21.67
N LYS B 3 -1.38 4.52 23.74
CA LYS B 3 -1.16 5.18 22.44
C LYS B 3 -0.95 4.27 21.23
N ILE B 4 -1.57 4.70 20.13
CA ILE B 4 -1.41 4.13 18.79
C ILE B 4 -1.03 5.26 17.83
N PRO B 5 -0.35 4.97 16.71
CA PRO B 5 -0.05 6.06 15.75
C PRO B 5 -1.34 6.70 15.27
N VAL B 6 -1.27 8.00 14.96
CA VAL B 6 -2.45 8.68 14.45
C VAL B 6 -2.70 8.30 12.99
N GLU B 7 -1.73 7.70 12.32
CA GLU B 7 -1.92 7.20 10.96
C GLU B 7 -2.31 5.73 10.92
N ALA B 8 -2.53 5.09 12.07
CA ALA B 8 -2.90 3.69 12.10
C ALA B 8 -4.38 3.51 11.77
N ASP B 9 -4.71 2.32 11.30
CA ASP B 9 -6.09 1.89 11.02
C ASP B 9 -6.68 2.60 9.80
N PHE B 10 -5.83 3.00 8.86
CA PHE B 10 -6.25 3.47 7.56
C PHE B 10 -5.97 2.38 6.53
N LEU B 11 -6.88 2.22 5.59
CA LEU B 11 -6.67 1.41 4.40
C LEU B 11 -7.00 2.31 3.20
N TYR B 12 -6.10 2.36 2.21
CA TYR B 12 -6.36 3.08 0.97
C TYR B 12 -6.33 2.07 -0.17
N ALA B 13 -7.50 1.78 -0.72
CA ALA B 13 -7.63 0.87 -1.85
C ALA B 13 -7.61 1.70 -3.13
N TYR B 14 -6.41 1.91 -3.68
CA TYR B 14 -6.27 2.65 -4.92
C TYR B 14 -6.59 1.77 -6.10
N SER B 15 -7.22 2.38 -7.12
CA SER B 15 -7.59 1.62 -8.30
C SER B 15 -6.39 1.27 -9.16
N THR B 16 -5.26 1.95 -8.99
CA THR B 16 -4.14 1.78 -9.91
C THR B 16 -2.83 2.04 -9.16
N ALA B 17 -1.73 1.63 -9.79
CA ALA B 17 -0.42 1.76 -9.17
C ALA B 17 0.05 3.22 -9.21
N PRO B 18 0.98 3.59 -8.33
CA PRO B 18 1.42 4.98 -8.30
C PRO B 18 2.00 5.40 -9.64
N GLY B 19 1.65 6.60 -10.08
CA GLY B 19 2.16 7.13 -11.35
C GLY B 19 1.32 6.83 -12.58
N TYR B 20 0.34 5.93 -12.49
CA TYR B 20 -0.32 5.36 -13.66
C TYR B 20 -1.73 5.93 -13.86
N TYR B 21 -2.16 5.87 -15.12
CA TYR B 21 -3.57 6.04 -15.45
C TYR B 21 -4.40 4.95 -14.80
N SER B 22 -5.67 5.28 -14.52
CA SER B 22 -6.67 4.30 -14.12
C SER B 22 -7.73 4.25 -15.22
N TRP B 23 -8.29 3.07 -15.47
CA TRP B 23 -9.14 2.89 -16.64
C TRP B 23 -10.62 2.78 -16.27
N ARG B 24 -11.45 3.30 -17.15
CA ARG B 24 -12.88 3.35 -16.93
C ARG B 24 -13.54 3.03 -18.27
N ASN B 25 -14.50 2.13 -18.25
CA ASN B 25 -15.29 1.82 -19.43
C ASN B 25 -16.51 2.74 -19.49
N SER B 26 -16.68 3.40 -20.63
CA SER B 26 -17.76 4.37 -20.80
C SER B 26 -19.14 3.78 -20.51
N LYS B 27 -19.32 2.47 -20.67
CA LYS B 27 -20.61 1.84 -20.43
C LYS B 27 -20.69 1.12 -19.10
N ASP B 28 -19.69 0.30 -18.76
CA ASP B 28 -19.72 -0.57 -17.59
C ASP B 28 -19.17 0.05 -16.31
N GLY B 29 -18.57 1.23 -16.39
CA GLY B 29 -17.89 1.81 -15.24
C GLY B 29 -16.42 1.39 -15.13
N SER B 30 -15.76 1.87 -14.08
CA SER B 30 -14.32 1.64 -13.96
C SER B 30 -14.02 0.16 -13.73
N TRP B 31 -12.88 -0.30 -14.25
CA TRP B 31 -12.48 -1.69 -14.05
C TRP B 31 -12.43 -2.03 -12.57
N PHE B 32 -11.87 -1.11 -11.78
CA PHE B 32 -11.63 -1.36 -10.36
C PHE B 32 -12.93 -1.49 -9.58
N ILE B 33 -13.84 -0.53 -9.74
CA ILE B 33 -15.09 -0.55 -8.99
C ILE B 33 -15.97 -1.73 -9.43
N GLN B 34 -16.08 -1.99 -10.74
CA GLN B 34 -16.72 -3.21 -11.21
C GLN B 34 -16.20 -4.41 -10.43
N SER B 35 -14.87 -4.54 -10.38
CA SER B 35 -14.29 -5.74 -9.79
C SER B 35 -14.48 -5.74 -8.28
N LEU B 36 -14.37 -4.56 -7.65
CA LEU B 36 -14.49 -4.55 -6.19
C LEU B 36 -15.90 -4.94 -5.76
N CYS B 37 -16.92 -4.44 -6.47
CA CYS B 37 -18.29 -4.79 -6.12
C CYS B 37 -18.55 -6.28 -6.35
N ALA B 38 -18.02 -6.86 -7.42
CA ALA B 38 -18.22 -8.28 -7.66
C ALA B 38 -17.57 -9.11 -6.54
N MET B 39 -16.38 -8.73 -6.11
CA MET B 39 -15.69 -9.57 -5.13
C MET B 39 -16.32 -9.41 -3.76
N LEU B 40 -16.74 -8.20 -3.41
CA LEU B 40 -17.44 -8.01 -2.15
C LEU B 40 -18.77 -8.75 -2.16
N LYS B 41 -19.51 -8.67 -3.27
CA LYS B 41 -20.73 -9.44 -3.39
C LYS B 41 -20.47 -10.92 -3.19
N GLN B 42 -19.42 -11.44 -3.83
CA GLN B 42 -19.16 -12.87 -3.78
C GLN B 42 -18.57 -13.33 -2.44
N TYR B 43 -17.78 -12.49 -1.76
CA TYR B 43 -16.89 -12.96 -0.71
C TYR B 43 -16.94 -12.21 0.61
N ALA B 44 -17.70 -11.12 0.71
CA ALA B 44 -17.66 -10.36 1.96
C ALA B 44 -18.18 -11.17 3.15
N ASP B 45 -18.90 -12.25 2.88
CA ASP B 45 -19.41 -13.15 3.92
C ASP B 45 -18.41 -14.25 4.29
N LYS B 46 -17.26 -14.32 3.61
CA LYS B 46 -16.38 -15.47 3.77
C LYS B 46 -14.90 -15.09 3.94
N LEU B 47 -14.44 -14.04 3.25
CA LEU B 47 -13.01 -13.72 3.17
C LEU B 47 -12.69 -12.45 3.93
N GLU B 48 -11.51 -12.43 4.53
CA GLU B 48 -10.95 -11.21 5.12
C GLU B 48 -10.73 -10.16 4.02
N PHE B 49 -10.86 -8.88 4.39
CA PHE B 49 -10.90 -7.81 3.39
C PHE B 49 -9.64 -7.77 2.50
N MET B 50 -8.45 -7.95 3.08
CA MET B 50 -7.24 -7.95 2.23
C MET B 50 -7.29 -9.07 1.19
N HIS B 51 -7.83 -10.25 1.55
CA HIS B 51 -7.95 -11.32 0.56
C HIS B 51 -8.99 -10.99 -0.49
N ILE B 52 -10.05 -10.29 -0.11
CA ILE B 52 -10.98 -9.80 -1.12
C ILE B 52 -10.26 -8.85 -2.07
N LEU B 53 -9.50 -7.88 -1.51
CA LEU B 53 -8.84 -6.89 -2.36
C LEU B 53 -7.77 -7.54 -3.21
N THR B 54 -7.13 -8.60 -2.71
CA THR B 54 -6.21 -9.37 -3.55
C THR B 54 -6.92 -10.01 -4.73
N ARG B 55 -8.15 -10.48 -4.53
CA ARG B 55 -8.91 -11.02 -5.66
C ARG B 55 -9.34 -9.93 -6.63
N VAL B 56 -9.66 -8.73 -6.14
CA VAL B 56 -9.86 -7.59 -7.03
C VAL B 56 -8.61 -7.33 -7.88
N ASN B 57 -7.42 -7.40 -7.27
CA ASN B 57 -6.20 -7.20 -8.03
C ASN B 57 -6.11 -8.20 -9.20
N ARG B 58 -6.38 -9.48 -8.93
CA ARG B 58 -6.23 -10.51 -9.96
C ARG B 58 -7.28 -10.34 -11.05
N LYS B 59 -8.50 -9.93 -10.67
CA LYS B 59 -9.56 -9.72 -11.66
C LYS B 59 -9.20 -8.57 -12.59
N VAL B 60 -8.74 -7.46 -12.02
CA VAL B 60 -8.40 -6.31 -12.84
C VAL B 60 -7.17 -6.62 -13.68
N ALA B 61 -6.20 -7.34 -13.11
CA ALA B 61 -4.97 -7.65 -13.83
C ALA B 61 -5.21 -8.60 -15.00
N THR B 62 -6.16 -9.52 -14.89
CA THR B 62 -6.25 -10.56 -15.89
C THR B 62 -7.47 -10.47 -16.79
N GLU B 63 -8.57 -9.89 -16.34
CA GLU B 63 -9.79 -9.90 -17.11
C GLU B 63 -10.03 -8.62 -17.89
N PHE B 64 -9.15 -7.62 -17.78
CA PHE B 64 -9.37 -6.34 -18.41
C PHE B 64 -8.18 -5.93 -19.26
N GLU B 65 -8.49 -5.39 -20.42
CA GLU B 65 -7.45 -4.83 -21.27
C GLU B 65 -8.13 -3.74 -22.09
N SER B 66 -7.42 -2.64 -22.29
CA SER B 66 -8.07 -1.45 -22.82
C SER B 66 -8.31 -1.59 -24.31
N PHE B 67 -9.47 -1.14 -24.76
CA PHE B 67 -9.79 -1.09 -26.18
C PHE B 67 -10.01 0.37 -26.55
N SER B 68 -9.15 0.89 -27.42
CA SER B 68 -9.22 2.30 -27.78
C SER B 68 -8.98 2.47 -29.26
N PHE B 69 -9.68 3.45 -29.87
CA PHE B 69 -9.40 3.79 -31.25
C PHE B 69 -8.05 4.48 -31.38
N ASP B 70 -7.56 5.06 -30.30
CA ASP B 70 -6.26 5.73 -30.26
C ASP B 70 -5.21 4.68 -29.93
N ALA B 71 -4.47 4.25 -30.95
CA ALA B 71 -3.48 3.18 -30.76
C ALA B 71 -2.54 3.48 -29.59
N THR B 72 -2.31 4.77 -29.27
CA THR B 72 -1.49 5.11 -28.11
C THR B 72 -2.10 4.54 -26.82
N PHE B 73 -3.43 4.46 -26.75
CA PHE B 73 -4.16 4.06 -25.55
C PHE B 73 -4.78 2.68 -25.65
N HIS B 74 -4.42 1.88 -26.65
CA HIS B 74 -5.02 0.58 -26.90
C HIS B 74 -4.18 -0.55 -26.33
N ALA B 75 -4.86 -1.59 -25.85
CA ALA B 75 -4.24 -2.82 -25.32
C ALA B 75 -3.44 -2.57 -24.04
N LYS B 76 -3.89 -1.64 -23.20
CA LYS B 76 -3.20 -1.38 -21.94
C LYS B 76 -3.80 -2.18 -20.80
N LYS B 77 -3.01 -2.28 -19.72
CA LYS B 77 -3.33 -3.12 -18.57
C LYS B 77 -3.29 -2.28 -17.30
N GLN B 78 -3.85 -2.82 -16.22
CA GLN B 78 -3.93 -2.10 -14.97
C GLN B 78 -3.75 -3.04 -13.79
N ILE B 79 -3.02 -2.60 -12.77
CA ILE B 79 -2.96 -3.29 -11.48
C ILE B 79 -3.37 -2.31 -10.38
N PRO B 80 -4.35 -2.65 -9.55
CA PRO B 80 -4.70 -1.79 -8.41
C PRO B 80 -3.62 -1.87 -7.34
N CYS B 81 -3.76 -1.08 -6.27
CA CYS B 81 -2.70 -0.87 -5.30
C CYS B 81 -3.31 -0.77 -3.90
N ILE B 82 -3.19 -1.85 -3.12
CA ILE B 82 -3.70 -1.90 -1.75
C ILE B 82 -2.67 -1.28 -0.81
N VAL B 83 -3.06 -0.27 -0.04
CA VAL B 83 -2.17 0.38 0.91
C VAL B 83 -2.79 0.28 2.31
N SER B 84 -2.27 -0.63 3.12
CA SER B 84 -2.85 -0.94 4.41
C SER B 84 -1.99 -0.40 5.54
N MET B 85 -2.54 0.51 6.34
CA MET B 85 -2.03 0.76 7.67
C MET B 85 -2.96 0.20 8.73
N LEU B 86 -3.73 -0.82 8.38
CA LEU B 86 -4.59 -1.51 9.33
C LEU B 86 -3.74 -2.31 10.32
N THR B 87 -4.25 -2.46 11.54
CA THR B 87 -3.60 -3.23 12.61
C THR B 87 -4.32 -4.53 12.93
N LYS B 88 -5.48 -4.78 12.32
CA LYS B 88 -6.23 -6.00 12.56
C LYS B 88 -6.84 -6.46 11.25
N GLU B 89 -7.38 -7.66 11.26
CA GLU B 89 -8.11 -8.19 10.12
C GLU B 89 -9.55 -7.66 10.10
N LEU B 90 -10.08 -7.47 8.90
CA LEU B 90 -11.39 -6.87 8.70
C LEU B 90 -12.30 -7.91 8.07
N TYR B 91 -13.29 -8.37 8.84
CA TYR B 91 -14.36 -9.22 8.33
C TYR B 91 -15.67 -8.45 8.40
N PHE B 92 -16.41 -8.42 7.29
CA PHE B 92 -17.60 -7.58 7.18
C PHE B 92 -18.84 -8.18 7.84
N TYR B 93 -18.72 -9.26 8.58
CA TYR B 93 -19.89 -9.81 9.26
C TYR B 93 -19.65 -9.93 10.76
N ASN C 2 -6.78 -17.42 -5.42
CA ASN C 2 -6.00 -18.58 -5.03
C ASN C 2 -4.60 -18.16 -4.58
N SER C 3 -3.64 -19.10 -4.64
CA SER C 3 -2.34 -18.97 -3.99
C SER C 3 -1.22 -19.07 -5.01
N TYR C 4 -0.17 -18.27 -4.78
CA TYR C 4 1.05 -18.40 -5.56
C TYR C 4 1.61 -19.81 -5.43
N LYS C 5 2.09 -20.35 -6.53
CA LYS C 5 2.78 -21.64 -6.52
C LYS C 5 4.13 -21.47 -5.85
N MET C 6 4.28 -22.05 -4.66
CA MET C 6 5.47 -21.88 -3.84
C MET C 6 6.27 -23.19 -3.68
N ASP C 7 6.01 -24.18 -4.53
CA ASP C 7 6.70 -25.45 -4.47
C ASP C 7 7.53 -25.68 -5.73
N TYR C 8 8.12 -24.60 -6.26
CA TYR C 8 9.28 -24.70 -7.13
C TYR C 8 10.45 -25.34 -6.36
N PRO C 9 11.46 -25.85 -7.08
CA PRO C 9 12.63 -26.41 -6.39
C PRO C 9 13.25 -25.49 -5.35
N GLU C 10 13.22 -24.18 -5.57
CA GLU C 10 13.79 -23.22 -4.63
C GLU C 10 12.75 -22.18 -4.27
N MET C 11 12.74 -21.78 -2.99
CA MET C 11 11.90 -20.68 -2.57
C MET C 11 12.31 -19.39 -3.26
N GLY C 12 13.63 -19.17 -3.39
CA GLY C 12 14.21 -18.09 -4.16
C GLY C 12 15.30 -17.34 -3.41
N LEU C 13 15.68 -16.21 -3.99
CA LEU C 13 16.68 -15.33 -3.41
C LEU C 13 16.09 -14.37 -2.38
N CYS C 14 16.88 -14.07 -1.35
CA CYS C 14 16.57 -13.01 -0.40
C CYS C 14 17.80 -12.11 -0.32
N ILE C 15 17.77 -10.99 -1.02
CA ILE C 15 18.88 -10.05 -1.05
C ILE C 15 18.71 -9.07 0.09
N ILE C 16 19.73 -8.95 0.95
CA ILE C 16 19.72 -7.97 2.04
C ILE C 16 20.83 -6.96 1.80
N ILE C 17 20.45 -5.71 1.58
CA ILE C 17 21.38 -4.60 1.47
C ILE C 17 21.37 -3.84 2.79
N ASN C 18 22.52 -3.82 3.46
CA ASN C 18 22.65 -3.32 4.82
C ASN C 18 23.65 -2.16 4.79
N ASN C 19 23.15 -0.94 4.70
CA ASN C 19 24.01 0.24 4.67
C ASN C 19 24.04 0.84 6.07
N LYS C 20 25.17 0.67 6.74
CA LYS C 20 25.39 1.20 8.08
C LYS C 20 26.20 2.48 8.08
N ASN C 21 27.23 2.55 7.24
CA ASN C 21 28.21 3.63 7.27
C ASN C 21 28.13 4.42 5.98
N PHE C 22 28.07 5.74 6.10
CA PHE C 22 27.83 6.63 4.98
C PHE C 22 28.98 7.63 4.80
N HIS C 23 29.17 8.09 3.58
CA HIS C 23 30.20 9.09 3.29
C HIS C 23 29.84 10.43 3.93
N LYS C 24 30.87 11.15 4.39
CA LYS C 24 30.63 12.41 5.12
C LYS C 24 29.88 13.42 4.26
N SER C 25 30.06 13.38 2.93
CA SER C 25 29.33 14.29 2.06
C SER C 25 27.82 14.16 2.23
N THR C 26 27.35 13.02 2.73
CA THR C 26 25.92 12.80 2.92
C THR C 26 25.40 13.48 4.18
N GLY C 27 26.25 13.71 5.17
CA GLY C 27 25.74 14.18 6.45
C GLY C 27 24.98 13.12 7.21
N MET C 28 24.95 11.89 6.72
CA MET C 28 24.13 10.86 7.33
C MET C 28 24.90 10.22 8.47
N THR C 29 24.19 9.95 9.57
CA THR C 29 24.79 9.29 10.72
C THR C 29 24.86 7.78 10.48
N SER C 30 25.82 7.13 11.12
CA SER C 30 25.88 5.68 11.04
C SER C 30 24.64 5.09 11.72
N ARG C 31 24.19 3.93 11.22
CA ARG C 31 22.92 3.37 11.62
C ARG C 31 23.14 2.21 12.61
N SER C 32 23.41 2.58 13.87
CA SER C 32 23.70 1.61 14.93
C SER C 32 22.49 0.71 15.16
N GLY C 33 22.71 -0.61 15.07
CA GLY C 33 21.64 -1.57 15.24
C GLY C 33 21.16 -2.20 13.95
N THR C 34 21.64 -1.73 12.80
CA THR C 34 21.25 -2.35 11.53
C THR C 34 21.92 -3.70 11.32
N ASP C 35 23.06 -3.94 11.98
CA ASP C 35 23.68 -5.26 11.93
C ASP C 35 22.80 -6.29 12.60
N VAL C 36 22.14 -5.92 13.70
CA VAL C 36 21.21 -6.82 14.36
C VAL C 36 20.04 -7.12 13.42
N ASP C 37 19.56 -6.10 12.68
CA ASP C 37 18.54 -6.34 11.67
C ASP C 37 19.01 -7.34 10.63
N ALA C 38 20.17 -7.07 10.03
CA ALA C 38 20.59 -7.91 8.91
C ALA C 38 20.81 -9.35 9.36
N ALA C 39 21.25 -9.56 10.61
CA ALA C 39 21.43 -10.92 11.10
C ALA C 39 20.08 -11.58 11.40
N ASN C 40 19.18 -10.85 12.06
CA ASN C 40 17.82 -11.35 12.26
C ASN C 40 17.19 -11.79 10.94
N LEU C 41 17.35 -11.00 9.88
CA LEU C 41 16.71 -11.31 8.60
C LEU C 41 17.35 -12.53 7.94
N ARG C 42 18.68 -12.63 7.99
CA ARG C 42 19.38 -13.78 7.44
C ARG C 42 18.86 -15.08 8.06
N GLU C 43 18.75 -15.11 9.40
CA GLU C 43 18.23 -16.30 10.09
C GLU C 43 16.76 -16.54 9.77
N THR C 44 15.95 -15.48 9.73
CA THR C 44 14.53 -15.65 9.47
C THR C 44 14.29 -16.27 8.10
N PHE C 45 14.91 -15.71 7.06
CA PHE C 45 14.67 -16.24 5.73
C PHE C 45 15.40 -17.57 5.48
N ARG C 46 16.49 -17.84 6.19
CA ARG C 46 17.08 -19.19 6.16
C ARG C 46 16.08 -20.25 6.60
N ASN C 47 15.33 -19.98 7.68
CA ASN C 47 14.30 -20.91 8.13
C ASN C 47 13.15 -21.02 7.15
N LEU C 48 12.97 -20.03 6.29
CA LEU C 48 11.97 -20.08 5.22
C LEU C 48 12.52 -20.70 3.95
N LYS C 49 13.75 -21.24 3.99
CA LYS C 49 14.37 -21.94 2.87
C LYS C 49 14.68 -21.00 1.70
N TYR C 50 15.03 -19.75 1.99
CA TYR C 50 15.51 -18.80 1.00
C TYR C 50 17.02 -18.85 0.89
N GLU C 51 17.52 -18.57 -0.31
CA GLU C 51 18.94 -18.41 -0.55
C GLU C 51 19.28 -16.95 -0.24
N VAL C 52 19.86 -16.71 0.94
CA VAL C 52 20.11 -15.36 1.46
C VAL C 52 21.46 -14.84 0.97
N ARG C 53 21.51 -13.56 0.64
CA ARG C 53 22.75 -12.90 0.27
C ARG C 53 22.81 -11.57 1.00
N ASN C 54 23.67 -11.49 2.02
CA ASN C 54 23.88 -10.24 2.74
C ASN C 54 24.93 -9.40 2.03
N LYS C 55 24.60 -8.15 1.76
CA LYS C 55 25.53 -7.17 1.21
C LYS C 55 25.59 -5.96 2.13
N ASN C 56 26.79 -5.46 2.39
CA ASN C 56 26.99 -4.37 3.34
C ASN C 56 27.63 -3.17 2.65
N ASP C 57 27.25 -1.98 3.10
CA ASP C 57 27.79 -0.69 2.66
C ASP C 57 28.04 -0.58 1.17
N LEU C 58 26.97 -0.63 0.39
CA LEU C 58 27.02 -0.42 -1.04
C LEU C 58 26.68 1.01 -1.41
N THR C 59 27.49 1.59 -2.31
CA THR C 59 27.18 2.87 -2.92
C THR C 59 25.89 2.77 -3.75
N ARG C 60 25.36 3.94 -4.12
CA ARG C 60 24.19 4.00 -4.97
C ARG C 60 24.44 3.32 -6.32
N GLU C 61 25.68 3.39 -6.81
CA GLU C 61 26.03 2.72 -8.06
C GLU C 61 26.15 1.21 -7.88
N GLU C 62 26.68 0.76 -6.73
CA GLU C 62 26.77 -0.67 -6.46
C GLU C 62 25.41 -1.31 -6.28
N ILE C 63 24.45 -0.58 -5.69
CA ILE C 63 23.09 -1.11 -5.53
C ILE C 63 22.44 -1.34 -6.90
N VAL C 64 22.49 -0.32 -7.77
CA VAL C 64 21.87 -0.43 -9.10
C VAL C 64 22.47 -1.61 -9.85
N GLU C 65 23.79 -1.73 -9.82
CA GLU C 65 24.46 -2.80 -10.55
C GLU C 65 24.10 -4.16 -9.98
N LEU C 66 24.06 -4.28 -8.64
CA LEU C 66 23.64 -5.53 -8.02
C LEU C 66 22.25 -5.91 -8.46
N MET C 67 21.31 -4.96 -8.35
CA MET C 67 19.93 -5.22 -8.75
C MET C 67 19.85 -5.62 -10.20
N ARG C 68 20.58 -4.92 -11.09
CA ARG C 68 20.62 -5.33 -12.48
C ARG C 68 21.12 -6.77 -12.61
N ASP C 69 22.24 -7.09 -11.94
CA ASP C 69 22.79 -8.43 -12.04
C ASP C 69 21.81 -9.48 -11.52
N VAL C 70 21.17 -9.22 -10.38
CA VAL C 70 20.21 -10.17 -9.84
C VAL C 70 19.06 -10.37 -10.81
N SER C 71 18.55 -9.28 -11.40
CA SER C 71 17.43 -9.41 -12.32
C SER C 71 17.80 -10.21 -13.56
N LYS C 72 19.09 -10.31 -13.90
CA LYS C 72 19.52 -11.03 -15.09
C LYS C 72 19.73 -12.52 -14.86
N GLU C 73 19.67 -12.98 -13.61
CA GLU C 73 19.80 -14.40 -13.30
C GLU C 73 18.59 -15.16 -13.82
N ASP C 74 18.70 -16.48 -13.88
CA ASP C 74 17.58 -17.33 -14.28
C ASP C 74 16.84 -17.76 -13.02
N HIS C 75 15.73 -17.08 -12.72
CA HIS C 75 14.89 -17.44 -11.59
C HIS C 75 13.84 -18.49 -11.93
N SER C 76 14.05 -19.23 -13.03
CA SER C 76 13.04 -20.15 -13.54
C SER C 76 12.67 -21.23 -12.52
N LYS C 77 13.63 -21.65 -11.70
CA LYS C 77 13.37 -22.71 -10.73
C LYS C 77 13.15 -22.16 -9.31
N ARG C 78 12.84 -20.87 -9.18
CA ARG C 78 12.64 -20.21 -7.90
C ARG C 78 11.20 -19.75 -7.77
N SER C 79 10.62 -19.86 -6.57
CA SER C 79 9.21 -19.51 -6.40
C SER C 79 8.97 -18.01 -6.35
N SER C 80 9.92 -17.25 -5.83
CA SER C 80 9.69 -15.85 -5.50
C SER C 80 11.03 -15.12 -5.49
N PHE C 81 10.97 -13.84 -5.18
CA PHE C 81 12.15 -13.03 -4.99
C PHE C 81 11.91 -12.07 -3.84
N VAL C 82 12.89 -11.94 -2.95
CA VAL C 82 12.80 -11.04 -1.81
C VAL C 82 14.02 -10.13 -1.82
N CYS C 83 13.79 -8.83 -1.63
CA CYS C 83 14.86 -7.86 -1.46
C CYS C 83 14.59 -7.04 -0.21
N VAL C 84 15.61 -6.88 0.64
CA VAL C 84 15.47 -6.11 1.88
C VAL C 84 16.46 -4.96 1.83
N LEU C 85 15.97 -3.74 2.00
CA LEU C 85 16.82 -2.55 1.99
C LEU C 85 16.79 -1.96 3.40
N LEU C 86 17.96 -1.86 4.02
CA LEU C 86 18.12 -1.25 5.33
C LEU C 86 19.02 -0.04 5.15
N SER C 87 18.48 1.16 5.31
CA SER C 87 19.27 2.36 5.00
C SER C 87 18.51 3.60 5.42
N HIS C 88 19.17 4.75 5.27
CA HIS C 88 18.41 6.00 5.30
CA HIS C 88 18.47 6.02 5.28
C HIS C 88 17.65 6.15 3.98
N GLY C 89 16.63 6.98 4.02
CA GLY C 89 15.85 7.21 2.83
C GLY C 89 15.02 8.46 2.98
N GLU C 90 14.24 8.74 1.95
CA GLU C 90 13.19 9.76 1.97
C GLU C 90 12.16 9.29 0.94
N GLU C 91 11.02 9.98 0.85
CA GLU C 91 9.92 9.44 0.06
C GLU C 91 10.35 9.03 -1.34
N GLY C 92 10.13 7.76 -1.68
CA GLY C 92 10.50 7.21 -2.97
C GLY C 92 11.99 6.97 -3.16
N ILE C 93 12.79 7.13 -2.13
CA ILE C 93 14.26 7.18 -2.26
C ILE C 93 14.92 6.36 -1.17
N ILE C 94 15.92 5.57 -1.55
CA ILE C 94 16.82 4.83 -0.66
C ILE C 94 18.24 5.31 -0.91
N PHE C 95 19.06 5.31 0.14
CA PHE C 95 20.42 5.86 0.08
C PHE C 95 21.46 4.77 -0.05
N GLY C 96 22.28 4.85 -1.09
CA GLY C 96 23.57 4.21 -1.05
C GLY C 96 24.46 4.94 -0.06
N THR C 97 25.65 4.39 0.17
CA THR C 97 26.58 5.00 1.10
C THR C 97 26.97 6.41 0.68
N ASN C 98 26.89 6.70 -0.62
CA ASN C 98 27.33 7.98 -1.17
C ASN C 98 26.21 8.84 -1.74
N GLY C 99 24.95 8.39 -1.68
CA GLY C 99 23.86 9.21 -2.17
C GLY C 99 22.58 8.47 -2.51
N PRO C 100 21.56 9.23 -2.90
CA PRO C 100 20.22 8.65 -3.08
C PRO C 100 20.06 7.87 -4.38
N VAL C 101 19.10 6.94 -4.36
CA VAL C 101 18.68 6.13 -5.50
C VAL C 101 17.16 6.13 -5.50
N ASP C 102 16.55 6.32 -6.66
CA ASP C 102 15.11 6.11 -6.75
C ASP C 102 14.78 4.65 -6.48
N LEU C 103 13.83 4.42 -5.57
CA LEU C 103 13.34 3.05 -5.36
C LEU C 103 12.77 2.46 -6.64
N LYS C 104 12.12 3.30 -7.46
CA LYS C 104 11.53 2.81 -8.71
C LYS C 104 12.59 2.29 -9.66
N LYS C 105 13.80 2.86 -9.62
CA LYS C 105 14.87 2.39 -10.49
C LYS C 105 15.32 1.01 -10.06
N ILE C 106 15.35 0.77 -8.76
CA ILE C 106 15.68 -0.55 -8.25
C ILE C 106 14.62 -1.54 -8.68
N THR C 107 13.36 -1.23 -8.37
CA THR C 107 12.30 -2.20 -8.60
C THR C 107 11.99 -2.40 -10.09
N ASN C 108 12.36 -1.45 -10.95
CA ASN C 108 12.02 -1.59 -12.38
C ASN C 108 12.73 -2.77 -13.03
N PHE C 109 13.93 -3.11 -12.54
CA PHE C 109 14.66 -4.27 -13.07
C PHE C 109 13.81 -5.53 -13.02
N PHE C 110 12.90 -5.63 -12.05
CA PHE C 110 12.12 -6.85 -11.85
C PHE C 110 10.72 -6.76 -12.43
N ARG C 111 10.41 -5.70 -13.17
CA ARG C 111 9.15 -5.59 -13.87
C ARG C 111 8.87 -6.85 -14.67
N GLY C 112 7.60 -7.25 -14.70
CA GLY C 112 7.21 -8.51 -15.32
C GLY C 112 7.64 -8.64 -16.77
N ASP C 113 7.85 -7.53 -17.46
CA ASP C 113 8.36 -7.57 -18.84
C ASP C 113 9.88 -7.51 -18.92
N ARG C 114 10.56 -7.10 -17.84
CA ARG C 114 12.02 -6.99 -17.84
C ARG C 114 12.72 -8.11 -17.08
N CYS C 115 11.99 -8.96 -16.36
CA CYS C 115 12.58 -10.10 -15.68
C CYS C 115 11.63 -11.27 -15.89
N ARG C 116 11.79 -11.92 -17.05
CA ARG C 116 10.78 -12.85 -17.52
C ARG C 116 10.68 -14.09 -16.65
N SER C 117 11.79 -14.50 -16.01
CA SER C 117 11.74 -15.70 -15.20
C SER C 117 11.14 -15.43 -13.82
N LEU C 118 10.62 -14.22 -13.59
CA LEU C 118 9.86 -13.92 -12.39
C LEU C 118 8.46 -13.44 -12.72
N THR C 119 8.10 -13.41 -14.00
CA THR C 119 6.75 -13.02 -14.38
C THR C 119 5.75 -13.97 -13.72
N GLY C 120 4.75 -13.39 -13.04
CA GLY C 120 3.75 -14.19 -12.35
C GLY C 120 4.15 -14.66 -10.97
N LYS C 121 5.31 -14.27 -10.48
CA LYS C 121 5.77 -14.71 -9.17
C LYS C 121 5.89 -13.54 -8.21
N PRO C 122 5.64 -13.74 -6.91
CA PRO C 122 5.66 -12.61 -5.97
C PRO C 122 7.06 -12.02 -5.83
N LYS C 123 7.13 -10.68 -5.90
CA LYS C 123 8.36 -9.92 -5.76
C LYS C 123 8.18 -9.01 -4.56
N LEU C 124 8.88 -9.31 -3.47
CA LEU C 124 8.67 -8.66 -2.18
C LEU C 124 9.86 -7.75 -1.93
N PHE C 125 9.58 -6.46 -1.69
CA PHE C 125 10.60 -5.50 -1.34
C PHE C 125 10.30 -5.00 0.07
N ILE C 126 11.19 -5.32 1.00
CA ILE C 126 11.07 -4.94 2.40
C ILE C 126 11.98 -3.75 2.63
N ILE C 127 11.41 -2.63 3.07
CA ILE C 127 12.12 -1.36 3.05
C ILE C 127 12.13 -0.73 4.44
N GLN C 128 13.26 -0.79 5.12
CA GLN C 128 13.46 -0.07 6.38
C GLN C 128 14.30 1.17 6.04
N ALA C 129 13.62 2.31 5.99
CA ALA C 129 14.23 3.59 5.64
C ALA C 129 13.19 4.67 5.89
N CYS C 130 13.67 5.89 6.16
CA CYS C 130 12.74 6.98 6.34
C CYS C 130 12.05 7.32 5.02
N ARG C 131 10.88 7.95 5.11
CA ARG C 131 10.13 8.38 3.92
C ARG C 131 9.74 9.84 4.02
N GLY C 132 10.53 10.62 4.75
CA GLY C 132 10.25 12.00 5.05
C GLY C 132 10.70 12.31 6.47
N THR C 133 10.22 13.44 6.99
CA THR C 133 10.66 13.87 8.31
C THR C 133 9.50 14.18 9.24
N GLU C 134 8.30 13.64 8.98
CA GLU C 134 7.20 13.80 9.91
C GLU C 134 7.35 12.83 11.08
N LEU C 135 6.85 13.26 12.23
CA LEU C 135 6.80 12.44 13.43
C LEU C 135 5.33 12.21 13.79
N ASP C 136 5.02 10.99 14.21
CA ASP C 136 3.67 10.62 14.62
C ASP C 136 3.59 10.76 16.14
N CYS C 137 2.82 11.74 16.62
CA CYS C 137 2.70 11.95 18.06
C CYS C 137 1.80 10.93 18.75
N GLY C 138 1.03 10.14 18.01
CA GLY C 138 0.16 9.15 18.61
C GLY C 138 -1.07 9.76 19.26
N ILE C 139 -1.96 8.88 19.75
CA ILE C 139 -3.22 9.30 20.35
C ILE C 139 -3.60 8.30 21.44
N GLU C 140 -4.37 8.79 22.42
CA GLU C 140 -4.84 8.18 23.70
C GLU C 140 -3.64 7.81 24.54
N LYS D 3 -1.97 -11.54 -21.29
CA LYS D 3 -1.22 -10.43 -20.70
C LYS D 3 -1.54 -10.17 -19.22
N ILE D 4 -0.52 -9.86 -18.43
CA ILE D 4 -0.71 -9.28 -17.10
C ILE D 4 -0.02 -7.93 -17.07
N PRO D 5 -0.35 -7.07 -16.11
CA PRO D 5 0.39 -5.81 -15.98
C PRO D 5 1.84 -6.05 -15.59
N VAL D 6 2.73 -5.17 -16.07
CA VAL D 6 4.14 -5.28 -15.72
C VAL D 6 4.40 -4.85 -14.29
N GLU D 7 3.46 -4.15 -13.65
CA GLU D 7 3.58 -3.79 -12.24
C GLU D 7 2.91 -4.78 -11.30
N ALA D 8 2.26 -5.82 -11.84
CA ALA D 8 1.59 -6.82 -11.02
C ALA D 8 2.60 -7.68 -10.25
N ASP D 9 2.11 -8.28 -9.16
CA ASP D 9 2.85 -9.24 -8.34
C ASP D 9 4.07 -8.62 -7.65
N PHE D 10 4.00 -7.32 -7.34
CA PHE D 10 4.93 -6.66 -6.45
C PHE D 10 4.29 -6.45 -5.09
N LEU D 11 5.08 -6.58 -4.02
CA LEU D 11 4.64 -6.14 -2.70
C LEU D 11 5.75 -5.36 -2.01
N TYR D 12 5.42 -4.15 -1.57
CA TYR D 12 6.34 -3.26 -0.88
C TYR D 12 5.91 -3.16 0.57
N ALA D 13 6.68 -3.78 1.44
CA ALA D 13 6.46 -3.68 2.88
C ALA D 13 7.33 -2.53 3.38
N TYR D 14 6.73 -1.35 3.49
CA TYR D 14 7.45 -0.20 3.98
C TYR D 14 7.41 -0.20 5.50
N SER D 15 8.53 0.17 6.11
CA SER D 15 8.61 0.24 7.58
C SER D 15 7.71 1.33 8.17
N THR D 16 7.32 2.34 7.39
CA THR D 16 6.64 3.52 7.92
C THR D 16 5.75 4.12 6.83
N ALA D 17 4.83 4.98 7.24
CA ALA D 17 3.86 5.58 6.32
C ALA D 17 4.52 6.66 5.45
N PRO D 18 3.95 6.97 4.28
CA PRO D 18 4.49 8.04 3.43
C PRO D 18 4.68 9.35 4.20
N GLY D 19 5.85 9.96 4.02
CA GLY D 19 6.15 11.24 4.66
C GLY D 19 6.86 11.15 6.01
N TYR D 20 6.91 9.97 6.64
CA TYR D 20 7.25 9.88 8.05
C TYR D 20 8.66 9.33 8.28
N TYR D 21 9.24 9.74 9.41
CA TYR D 21 10.42 9.08 9.93
C TYR D 21 10.12 7.60 10.18
N SER D 22 11.17 6.78 10.09
CA SER D 22 11.15 5.39 10.53
C SER D 22 12.13 5.27 11.70
N TRP D 23 11.83 4.40 12.66
CA TRP D 23 12.57 4.37 13.91
C TRP D 23 13.43 3.11 14.06
N ARG D 24 14.55 3.28 14.77
CA ARG D 24 15.54 2.21 14.94
C ARG D 24 16.13 2.35 16.33
N ASN D 25 16.22 1.23 17.04
CA ASN D 25 16.84 1.19 18.35
C ASN D 25 18.32 0.83 18.21
N SER D 26 19.17 1.61 18.89
CA SER D 26 20.62 1.40 18.83
C SER D 26 20.99 -0.05 19.04
N LYS D 27 20.32 -0.72 19.98
CA LYS D 27 20.71 -2.06 20.41
C LYS D 27 19.90 -3.15 19.71
N ASP D 28 18.58 -3.07 19.75
CA ASP D 28 17.75 -4.17 19.25
C ASP D 28 17.47 -4.11 17.75
N GLY D 29 17.82 -3.03 17.07
CA GLY D 29 17.53 -2.89 15.65
C GLY D 29 16.25 -2.10 15.41
N SER D 30 15.91 -1.99 14.13
CA SER D 30 14.74 -1.21 13.73
C SER D 30 13.46 -1.88 14.21
N TRP D 31 12.49 -1.06 14.65
CA TRP D 31 11.22 -1.59 15.15
C TRP D 31 10.58 -2.51 14.13
N PHE D 32 10.57 -2.09 12.86
CA PHE D 32 9.87 -2.84 11.82
C PHE D 32 10.48 -4.20 11.58
N ILE D 33 11.80 -4.24 11.35
CA ILE D 33 12.46 -5.52 11.06
C ILE D 33 12.39 -6.44 12.28
N GLN D 34 12.61 -5.89 13.48
CA GLN D 34 12.37 -6.65 14.70
C GLN D 34 11.02 -7.35 14.64
N SER D 35 9.97 -6.58 14.37
CA SER D 35 8.63 -7.13 14.42
C SER D 35 8.41 -8.12 13.29
N LEU D 36 8.96 -7.83 12.11
CA LEU D 36 8.75 -8.69 10.95
C LEU D 36 9.33 -10.09 11.19
N CYS D 37 10.58 -10.16 11.69
CA CYS D 37 11.18 -11.46 11.92
C CYS D 37 10.42 -12.23 13.01
N ALA D 38 9.94 -11.54 14.02
CA ALA D 38 9.20 -12.24 15.07
C ALA D 38 7.86 -12.78 14.56
N MET D 39 7.13 -11.97 13.78
CA MET D 39 5.86 -12.48 13.26
C MET D 39 6.08 -13.59 12.24
N LEU D 40 7.15 -13.50 11.44
CA LEU D 40 7.48 -14.58 10.52
C LEU D 40 7.86 -15.86 11.26
N LYS D 41 8.73 -15.72 12.27
CA LYS D 41 9.07 -16.85 13.13
C LYS D 41 7.82 -17.49 13.71
N GLN D 42 6.87 -16.67 14.17
CA GLN D 42 5.73 -17.21 14.89
C GLN D 42 4.59 -17.66 13.98
N TYR D 43 4.42 -17.05 12.80
CA TYR D 43 3.25 -17.33 11.97
C TYR D 43 3.53 -17.72 10.53
N ALA D 44 4.78 -17.86 10.11
CA ALA D 44 5.01 -18.25 8.72
C ALA D 44 4.46 -19.64 8.42
N ASP D 45 4.26 -20.46 9.45
CA ASP D 45 3.64 -21.77 9.29
C ASP D 45 2.13 -21.74 9.49
N LYS D 46 1.53 -20.57 9.72
CA LYS D 46 0.13 -20.49 10.14
C LYS D 46 -0.72 -19.57 9.29
N LEU D 47 -0.17 -18.43 8.86
CA LEU D 47 -0.97 -17.34 8.31
C LEU D 47 -0.48 -16.95 6.92
N GLU D 48 -1.42 -16.48 6.11
CA GLU D 48 -1.11 -15.86 4.82
C GLU D 48 -0.25 -14.60 5.04
N PHE D 49 0.60 -14.30 4.07
CA PHE D 49 1.61 -13.26 4.29
C PHE D 49 1.00 -11.91 4.66
N MET D 50 -0.09 -11.48 3.99
CA MET D 50 -0.69 -10.20 4.34
C MET D 50 -1.21 -10.16 5.77
N HIS D 51 -1.66 -11.29 6.29
CA HIS D 51 -2.05 -11.33 7.70
C HIS D 51 -0.84 -11.31 8.62
N ILE D 52 0.28 -11.87 8.19
CA ILE D 52 1.50 -11.71 8.98
C ILE D 52 1.90 -10.23 9.05
N LEU D 53 1.90 -9.55 7.89
CA LEU D 53 2.28 -8.13 7.87
C LEU D 53 1.31 -7.28 8.66
N THR D 54 0.02 -7.65 8.66
CA THR D 54 -0.94 -6.99 9.54
C THR D 54 -0.57 -7.18 11.03
N ARG D 55 -0.13 -8.38 11.42
CA ARG D 55 0.37 -8.54 12.79
C ARG D 55 1.58 -7.64 13.02
N VAL D 56 2.46 -7.51 12.01
CA VAL D 56 3.62 -6.66 12.15
C VAL D 56 3.17 -5.21 12.36
N ASN D 57 2.13 -4.79 11.64
CA ASN D 57 1.59 -3.45 11.82
C ASN D 57 1.14 -3.23 13.27
N ARG D 58 0.39 -4.18 13.83
CA ARG D 58 -0.12 -3.99 15.20
C ARG D 58 1.01 -4.04 16.23
N LYS D 59 2.01 -4.91 16.03
CA LYS D 59 3.11 -4.97 16.99
C LYS D 59 3.90 -3.66 17.00
N VAL D 60 4.24 -3.14 15.81
CA VAL D 60 4.93 -1.85 15.74
C VAL D 60 4.06 -0.74 16.33
N ALA D 61 2.76 -0.78 16.02
CA ALA D 61 1.86 0.29 16.44
C ALA D 61 1.66 0.29 17.95
N THR D 62 1.60 -0.88 18.56
CA THR D 62 1.23 -0.96 19.97
C THR D 62 2.41 -1.16 20.91
N GLU D 63 3.45 -1.89 20.50
CA GLU D 63 4.50 -2.30 21.42
C GLU D 63 5.74 -1.41 21.42
N PHE D 64 5.77 -0.36 20.60
CA PHE D 64 6.93 0.50 20.48
C PHE D 64 6.53 1.97 20.63
N GLU D 65 7.40 2.73 21.28
CA GLU D 65 7.24 4.17 21.35
C GLU D 65 8.62 4.75 21.60
N SER D 66 8.95 5.85 20.91
CA SER D 66 10.33 6.33 20.94
C SER D 66 10.73 6.83 22.32
N PHE D 67 11.99 6.59 22.69
CA PHE D 67 12.60 7.14 23.91
C PHE D 67 13.80 7.98 23.49
N SER D 68 13.72 9.30 23.72
CA SER D 68 14.81 10.17 23.29
C SER D 68 15.08 11.21 24.37
N PHE D 69 16.38 11.52 24.56
CA PHE D 69 16.71 12.65 25.43
C PHE D 69 16.28 13.97 24.81
N ASP D 70 16.10 13.99 23.49
CA ASP D 70 15.60 15.17 22.80
C ASP D 70 14.07 15.12 22.82
N ALA D 71 13.45 16.03 23.55
CA ALA D 71 12.00 16.03 23.70
C ALA D 71 11.28 16.09 22.36
N THR D 72 11.90 16.74 21.36
CA THR D 72 11.32 16.77 20.02
C THR D 72 11.01 15.38 19.50
N PHE D 73 11.92 14.42 19.74
CA PHE D 73 11.85 13.09 19.17
C PHE D 73 11.39 12.03 20.16
N HIS D 74 10.79 12.43 21.29
CA HIS D 74 10.45 11.49 22.35
C HIS D 74 8.97 11.16 22.36
N ALA D 75 8.67 9.91 22.73
CA ALA D 75 7.30 9.37 22.84
C ALA D 75 6.57 9.37 21.49
N LYS D 76 7.32 9.19 20.40
CA LYS D 76 6.74 9.13 19.08
C LYS D 76 6.34 7.70 18.70
N LYS D 77 5.42 7.59 17.75
CA LYS D 77 4.83 6.34 17.32
C LYS D 77 5.10 6.10 15.83
N GLN D 78 4.86 4.86 15.39
CA GLN D 78 5.14 4.49 14.02
C GLN D 78 4.13 3.43 13.57
N ILE D 79 3.68 3.56 12.32
CA ILE D 79 2.85 2.53 11.69
C ILE D 79 3.49 2.15 10.36
N PRO D 80 3.72 0.86 10.11
CA PRO D 80 4.27 0.46 8.80
C PRO D 80 3.22 0.60 7.71
N CYS D 81 3.59 0.32 6.46
CA CYS D 81 2.73 0.63 5.32
C CYS D 81 2.87 -0.50 4.30
N ILE D 82 1.85 -1.34 4.21
CA ILE D 82 1.85 -2.50 3.31
C ILE D 82 1.31 -2.04 1.97
N VAL D 83 2.10 -2.14 0.90
CA VAL D 83 1.66 -1.77 -0.44
C VAL D 83 1.69 -3.04 -1.30
N SER D 84 0.51 -3.55 -1.65
CA SER D 84 0.43 -4.83 -2.34
C SER D 84 -0.15 -4.65 -3.73
N MET D 85 0.65 -4.99 -4.75
CA MET D 85 0.14 -5.25 -6.08
C MET D 85 0.08 -6.74 -6.39
N LEU D 86 0.01 -7.58 -5.35
CA LEU D 86 -0.04 -9.02 -5.53
C LEU D 86 -1.41 -9.41 -6.08
N THR D 87 -1.45 -10.53 -6.81
CA THR D 87 -2.69 -11.04 -7.39
C THR D 87 -3.15 -12.35 -6.74
N LYS D 88 -2.41 -12.87 -5.77
CA LYS D 88 -2.72 -14.17 -5.15
C LYS D 88 -2.25 -14.15 -3.70
N GLU D 89 -2.82 -15.05 -2.90
CA GLU D 89 -2.35 -15.24 -1.52
C GLU D 89 -0.96 -15.89 -1.51
N LEU D 90 -0.16 -15.51 -0.52
CA LEU D 90 1.23 -15.97 -0.41
C LEU D 90 1.42 -16.68 0.92
N TYR D 91 1.69 -17.99 0.85
CA TYR D 91 1.90 -18.81 2.04
C TYR D 91 3.31 -19.38 1.99
N PHE D 92 4.05 -19.26 3.08
CA PHE D 92 5.41 -19.80 3.12
C PHE D 92 5.47 -21.27 3.49
N TYR D 93 4.33 -21.93 3.69
CA TYR D 93 4.30 -23.36 4.03
C TYR D 93 3.63 -24.15 2.92
N HIS D 94 3.73 -25.47 3.02
CA HIS D 94 3.28 -26.39 1.97
C HIS D 94 1.76 -26.45 1.81
N VAL E 2 -16.13 2.23 -25.27
CA VAL E 2 -14.67 2.23 -25.38
C VAL E 2 -14.12 2.56 -23.98
N ASP E 3 -12.85 2.28 -23.75
CA ASP E 3 -12.27 2.56 -22.45
C ASP E 3 -11.66 3.96 -22.43
N LYS E 4 -11.80 4.65 -21.30
CA LYS E 4 -11.26 5.99 -21.09
C LYS E 4 -10.41 6.02 -19.84
N VAL E 5 -9.46 6.97 -19.77
CA VAL E 5 -8.59 7.10 -18.61
C VAL E 5 -9.14 8.14 -17.64
N VAL F 2 19.50 3.60 22.51
CA VAL F 2 18.42 4.58 22.51
C VAL F 2 17.81 4.60 21.09
N ASP F 3 16.62 5.20 20.96
CA ASP F 3 15.92 5.16 19.68
C ASP F 3 16.43 6.25 18.74
N LYS F 4 16.74 5.88 17.51
CA LYS F 4 17.24 6.81 16.51
C LYS F 4 16.44 6.69 15.22
N VAL F 5 16.55 7.71 14.38
CA VAL F 5 15.61 7.90 13.29
C VAL F 5 16.33 7.63 11.97
#